data_1HWO
#
_entry.id   1HWO
#
_cell.length_a   74.000
_cell.length_b   74.000
_cell.length_c   191.500
_cell.angle_alpha   90.00
_cell.angle_beta   90.00
_cell.angle_gamma   120.00
#
_symmetry.space_group_name_H-M   'P 32 2 1'
#
loop_
_entity.id
_entity.type
_entity.pdbx_description
1 polymer EBULIN
2 polymer EBULIN
3 branched beta-D-galactopyranose-(1-4)-alpha-D-glucopyranose
4 branched beta-D-mannopyranose-(1-4)-2-acetamido-2-deoxy-beta-D-glucopyranose-(1-4)-2-acetamido-2-deoxy-beta-D-glucopyranose
5 water water
#
loop_
_entity_poly.entity_id
_entity_poly.type
_entity_poly.pdbx_seq_one_letter_code
_entity_poly.pdbx_strand_id
1 'polypeptide(L)'
;IDYPSVSFNLAGAKSTTYRDFLKNLRDRVATGTYEVNGLPVLRRESEVQVKNRFVLVRLTNYNGDTVTSAVDVTNLYLVA
FSANGNSYFFKDATELQKSNLFLGTTQHTLSFTGNYDNLETAAGTRRESIELGPNPLDGAITSLWYDGGVARSLLVLIQM
VPEAARFRYIEQEVRRSLQQLTSFTPNALMLSMENNWSSMSLEVQLSGDNVSPFSGTVQLQNYDHTPRLVDNFEELYKIT
GIAILLFRCVATKT
;
A
2 'polypeptide(L)'
;DGETCAIPAPFTRRIVGRDGLCVDVRNGYDTDGTPIQLWPCGTQRNQQWTFYNDKTIRSMGKCMTANGLNSGSYIMITDC
STAAEDATKWEVLIDGSIINPSSGLVMTAPSGASRTTLLLENNIHAASQGWTVSNDVQPIATLIVGYNEMCLQANGENNN
VWMEDCDVTSVQQQWALFDDRTIRVNNSRGLCVTSNGYVSKDLIVIRKCQGLATQRWFFNSDGSVVNLKSTRVMDVKESD
VSLQEVIIFPATGNPNQQWRTQVPQI
;
B
#
loop_
_chem_comp.id
_chem_comp.type
_chem_comp.name
_chem_comp.formula
BMA D-saccharide, beta linking beta-D-mannopyranose 'C6 H12 O6'
GAL D-saccharide, beta linking beta-D-galactopyranose 'C6 H12 O6'
GLC D-saccharide, alpha linking alpha-D-glucopyranose 'C6 H12 O6'
NAG D-saccharide, beta linking 2-acetamido-2-deoxy-beta-D-glucopyranose 'C8 H15 N O6'
#
# COMPACT_ATOMS: atom_id res chain seq x y z
N ILE A 1 -0.65 7.68 34.40
CA ILE A 1 -1.83 6.90 33.96
C ILE A 1 -1.42 5.51 33.47
N ASP A 2 -2.29 4.53 33.68
CA ASP A 2 -2.01 3.16 33.26
C ASP A 2 -2.33 2.95 31.79
N TYR A 3 -1.53 3.58 30.92
CA TYR A 3 -1.72 3.46 29.48
C TYR A 3 -1.74 2.01 29.04
N PRO A 4 -2.57 1.68 28.03
CA PRO A 4 -2.67 0.30 27.53
C PRO A 4 -1.31 -0.18 27.02
N SER A 5 -1.19 -1.49 26.82
CA SER A 5 0.07 -2.05 26.33
C SER A 5 -0.10 -3.41 25.68
N VAL A 6 0.83 -3.72 24.76
CA VAL A 6 0.82 -4.99 24.04
C VAL A 6 2.11 -5.75 24.35
N SER A 7 2.10 -7.06 24.17
CA SER A 7 3.30 -7.86 24.46
C SER A 7 3.75 -8.71 23.27
N PHE A 8 5.01 -9.11 23.29
CA PHE A 8 5.58 -9.94 22.24
C PHE A 8 6.86 -10.62 22.74
N ASN A 9 6.73 -11.87 23.19
CA ASN A 9 7.87 -12.62 23.70
C ASN A 9 8.58 -13.39 22.60
N LEU A 10 9.84 -13.04 22.34
CA LEU A 10 10.62 -13.71 21.31
C LEU A 10 10.63 -15.22 21.55
N ALA A 11 10.63 -15.61 22.83
CA ALA A 11 10.65 -17.02 23.19
C ALA A 11 9.37 -17.70 22.75
N GLY A 12 9.51 -18.86 22.11
CA GLY A 12 8.35 -19.59 21.64
C GLY A 12 7.44 -18.70 20.81
N ALA A 13 8.05 -17.80 20.04
CA ALA A 13 7.30 -16.88 19.21
C ALA A 13 7.33 -17.31 17.74
N LYS A 14 6.16 -17.30 17.11
CA LYS A 14 6.05 -17.67 15.71
C LYS A 14 5.71 -16.45 14.86
N SER A 15 5.79 -16.62 13.54
CA SER A 15 5.49 -15.53 12.62
C SER A 15 4.12 -14.92 12.89
N THR A 16 3.12 -15.77 13.12
CA THR A 16 1.77 -15.32 13.39
C THR A 16 1.68 -14.56 14.71
N THR A 17 2.47 -14.98 15.69
CA THR A 17 2.46 -14.32 17.00
C THR A 17 2.96 -12.89 16.87
N TYR A 18 3.78 -12.64 15.85
CA TYR A 18 4.34 -11.32 15.60
C TYR A 18 3.32 -10.47 14.83
N ARG A 19 2.76 -11.06 13.78
CA ARG A 19 1.78 -10.37 12.95
C ARG A 19 0.62 -9.88 13.81
N ASP A 20 0.08 -10.77 14.63
CA ASP A 20 -1.04 -10.42 15.50
C ASP A 20 -0.66 -9.30 16.47
N PHE A 21 0.58 -9.33 16.94
CA PHE A 21 1.07 -8.31 17.87
C PHE A 21 0.97 -6.92 17.24
N LEU A 22 1.53 -6.78 16.04
CA LEU A 22 1.51 -5.51 15.33
C LEU A 22 0.07 -5.07 15.09
N LYS A 23 -0.79 -6.04 14.77
CA LYS A 23 -2.19 -5.78 14.51
C LYS A 23 -2.84 -5.11 15.71
N ASN A 24 -2.60 -5.67 16.90
CA ASN A 24 -3.16 -5.11 18.14
C ASN A 24 -2.61 -3.71 18.37
N LEU A 25 -1.32 -3.54 18.09
CA LEU A 25 -0.64 -2.26 18.27
C LEU A 25 -1.26 -1.23 17.34
N ARG A 26 -1.78 -1.68 16.22
CA ARG A 26 -2.40 -0.78 15.24
C ARG A 26 -3.81 -0.41 15.70
N ASP A 27 -4.55 -1.40 16.19
CA ASP A 27 -5.91 -1.17 16.65
C ASP A 27 -6.01 -0.12 17.75
N ARG A 28 -4.88 0.24 18.34
CA ARG A 28 -4.86 1.24 19.41
C ARG A 28 -4.58 2.63 18.87
N VAL A 29 -3.35 2.84 18.42
CA VAL A 29 -2.94 4.14 17.88
C VAL A 29 -3.79 4.53 16.67
N ALA A 30 -4.38 3.55 16.02
CA ALA A 30 -5.21 3.79 14.84
C ALA A 30 -6.71 3.78 15.15
N THR A 31 -7.20 4.89 15.68
CA THR A 31 -8.61 5.03 16.01
C THR A 31 -9.13 6.28 15.29
N GLY A 32 -10.35 6.69 15.59
CA GLY A 32 -10.92 7.85 14.93
C GLY A 32 -11.35 7.50 13.52
N THR A 33 -12.36 8.20 13.00
CA THR A 33 -12.86 7.91 11.66
C THR A 33 -12.20 8.71 10.55
N TYR A 34 -11.09 9.39 10.86
CA TYR A 34 -10.41 10.17 9.82
C TYR A 34 -9.45 9.26 9.07
N GLU A 35 -9.96 8.65 8.00
CA GLU A 35 -9.15 7.75 7.19
C GLU A 35 -9.48 7.93 5.71
N VAL A 36 -8.56 7.49 4.86
CA VAL A 36 -8.75 7.59 3.42
C VAL A 36 -8.44 6.25 2.76
N ASN A 37 -9.28 5.85 1.83
CA ASN A 37 -9.11 4.58 1.13
C ASN A 37 -9.02 3.41 2.10
N GLY A 38 -9.54 3.58 3.30
CA GLY A 38 -9.50 2.52 4.29
C GLY A 38 -8.39 2.68 5.31
N LEU A 39 -7.26 3.26 4.89
CA LEU A 39 -6.13 3.46 5.79
C LEU A 39 -6.42 4.60 6.76
N PRO A 40 -6.24 4.34 8.07
CA PRO A 40 -6.48 5.34 9.11
C PRO A 40 -5.41 6.43 9.16
N VAL A 41 -5.77 7.57 9.73
CA VAL A 41 -4.84 8.68 9.86
C VAL A 41 -4.65 9.05 11.32
N LEU A 42 -3.46 8.76 11.85
CA LEU A 42 -3.14 9.06 13.25
C LEU A 42 -3.63 10.44 13.66
N ARG A 43 -4.24 10.52 14.84
CA ARG A 43 -4.76 11.78 15.36
C ARG A 43 -3.67 12.84 15.49
N ARG A 44 -4.04 14.00 16.03
CA ARG A 44 -3.11 15.10 16.20
C ARG A 44 -3.17 15.64 17.64
N GLU A 45 -2.11 16.35 18.04
CA GLU A 45 -2.02 16.92 19.39
C GLU A 45 -3.34 17.43 19.96
N SER A 46 -4.08 18.19 19.16
CA SER A 46 -5.35 18.76 19.60
C SER A 46 -6.41 17.69 19.89
N GLU A 47 -6.62 16.79 18.94
CA GLU A 47 -7.62 15.73 19.10
C GLU A 47 -7.06 14.50 19.81
N VAL A 48 -6.49 14.72 20.99
CA VAL A 48 -5.93 13.62 21.77
C VAL A 48 -5.61 14.05 23.19
N GLN A 49 -6.07 13.27 24.16
CA GLN A 49 -5.83 13.58 25.57
C GLN A 49 -4.61 12.84 26.09
N VAL A 50 -4.04 13.35 27.17
CA VAL A 50 -2.87 12.73 27.79
C VAL A 50 -3.21 11.33 28.29
N LYS A 51 -4.47 11.13 28.66
CA LYS A 51 -4.93 9.84 29.16
C LYS A 51 -4.75 8.75 28.11
N ASN A 52 -4.71 9.17 26.85
CA ASN A 52 -4.55 8.26 25.73
C ASN A 52 -3.47 8.81 24.81
N ARG A 53 -2.57 9.61 25.38
CA ARG A 53 -1.49 10.22 24.63
C ARG A 53 -0.39 9.23 24.25
N PHE A 54 -0.19 8.22 25.08
CA PHE A 54 0.85 7.23 24.81
C PHE A 54 0.41 5.78 24.95
N VAL A 55 1.14 4.89 24.28
CA VAL A 55 0.88 3.46 24.32
C VAL A 55 2.18 2.78 24.75
N LEU A 56 2.05 1.64 25.43
CA LEU A 56 3.23 0.92 25.89
C LEU A 56 3.47 -0.38 25.15
N VAL A 57 4.72 -0.61 24.76
CA VAL A 57 5.08 -1.83 24.03
C VAL A 57 5.92 -2.74 24.94
N ARG A 58 5.52 -4.00 25.02
CA ARG A 58 6.23 -4.97 25.84
C ARG A 58 6.92 -6.03 24.99
N LEU A 59 8.25 -6.09 25.09
CA LEU A 59 9.04 -7.05 24.33
C LEU A 59 9.87 -7.92 25.25
N THR A 60 9.52 -9.21 25.30
CA THR A 60 10.23 -10.17 26.14
C THR A 60 11.32 -10.87 25.35
N ASN A 61 12.57 -10.72 25.80
CA ASN A 61 13.70 -11.35 25.13
C ASN A 61 13.73 -12.85 25.42
N TYR A 62 14.63 -13.55 24.72
CA TYR A 62 14.78 -15.00 24.88
C TYR A 62 14.93 -15.39 26.34
N ASN A 63 15.81 -14.68 27.06
CA ASN A 63 16.06 -14.96 28.46
C ASN A 63 14.95 -14.44 29.37
N GLY A 64 13.77 -14.22 28.81
CA GLY A 64 12.65 -13.73 29.61
C GLY A 64 12.74 -12.25 29.93
N ASP A 65 13.95 -11.72 30.01
CA ASP A 65 14.17 -10.31 30.30
C ASP A 65 13.40 -9.47 29.29
N THR A 66 12.32 -8.84 29.73
CA THR A 66 11.50 -8.02 28.84
C THR A 66 11.65 -6.52 29.09
N VAL A 67 11.78 -5.77 27.99
CA VAL A 67 11.93 -4.33 28.06
C VAL A 67 10.68 -3.71 27.42
N THR A 68 10.28 -2.54 27.92
CA THR A 68 9.10 -1.87 27.38
C THR A 68 9.40 -0.48 26.85
N SER A 69 8.87 -0.18 25.67
CA SER A 69 9.06 1.11 25.04
C SER A 69 7.71 1.73 24.70
N ALA A 70 7.46 2.93 25.21
CA ALA A 70 6.19 3.62 24.95
C ALA A 70 6.22 4.39 23.64
N VAL A 71 5.20 4.19 22.81
CA VAL A 71 5.10 4.86 21.52
C VAL A 71 4.08 5.99 21.60
N ASP A 72 4.28 7.03 20.77
CA ASP A 72 3.38 8.17 20.73
C ASP A 72 2.22 7.89 19.78
N VAL A 73 1.02 7.81 20.35
CA VAL A 73 -0.18 7.52 19.57
C VAL A 73 -0.42 8.51 18.43
N THR A 74 0.30 9.63 18.44
CA THR A 74 0.14 10.65 17.40
C THR A 74 1.15 10.55 16.27
N ASN A 75 1.92 9.47 16.22
CA ASN A 75 2.91 9.30 15.16
C ASN A 75 3.64 7.95 15.24
N LEU A 76 3.22 7.09 16.15
CA LEU A 76 3.84 5.79 16.31
C LEU A 76 5.34 5.93 16.59
N TYR A 77 5.72 7.07 17.15
CA TYR A 77 7.13 7.33 17.46
C TYR A 77 7.50 6.68 18.78
N LEU A 78 8.74 6.22 18.89
CA LEU A 78 9.20 5.60 20.11
C LEU A 78 9.55 6.70 21.11
N VAL A 79 8.59 7.06 21.94
CA VAL A 79 8.78 8.12 22.92
C VAL A 79 9.89 7.80 23.91
N ALA A 80 9.81 6.64 24.53
CA ALA A 80 10.83 6.22 25.50
C ALA A 80 10.71 4.74 25.82
N PHE A 81 11.45 4.29 26.84
CA PHE A 81 11.44 2.90 27.26
C PHE A 81 12.01 2.78 28.67
N SER A 82 11.66 1.69 29.34
CA SER A 82 12.13 1.45 30.70
C SER A 82 12.73 0.05 30.88
N ALA A 83 13.42 -0.14 32.01
CA ALA A 83 14.04 -1.41 32.32
C ALA A 83 14.50 -1.42 33.78
N ASN A 84 13.89 -2.31 34.57
CA ASN A 84 14.21 -2.46 35.98
C ASN A 84 14.43 -1.12 36.70
N GLY A 85 13.34 -0.44 37.02
CA GLY A 85 13.43 0.83 37.71
C GLY A 85 14.27 1.88 37.01
N ASN A 86 14.31 1.82 35.68
CA ASN A 86 15.08 2.78 34.90
C ASN A 86 14.27 3.28 33.70
N SER A 87 14.32 4.59 33.48
CA SER A 87 13.61 5.19 32.35
C SER A 87 14.55 6.13 31.58
N TYR A 88 14.39 6.17 30.27
CA TYR A 88 15.23 7.03 29.43
C TYR A 88 14.41 7.86 28.45
N PHE A 89 14.87 9.09 28.23
CA PHE A 89 14.20 10.00 27.31
C PHE A 89 15.23 10.70 26.43
N PHE A 90 14.95 10.77 25.13
CA PHE A 90 15.85 11.41 24.18
C PHE A 90 16.21 12.83 24.62
N LYS A 91 17.20 13.42 23.96
CA LYS A 91 17.64 14.77 24.28
C LYS A 91 16.47 15.76 24.36
N ASP A 92 15.40 15.47 23.63
CA ASP A 92 14.23 16.33 23.63
C ASP A 92 13.45 16.14 24.93
N ALA A 93 12.63 15.09 24.97
CA ALA A 93 11.84 14.78 26.15
C ALA A 93 11.01 15.96 26.65
N THR A 94 9.70 15.90 26.42
CA THR A 94 8.80 16.96 26.86
C THR A 94 8.24 16.62 28.24
N GLU A 95 7.81 17.63 28.98
CA GLU A 95 7.25 17.41 30.30
C GLU A 95 6.03 16.51 30.23
N LEU A 96 5.45 16.40 29.04
CA LEU A 96 4.28 15.56 28.84
C LEU A 96 4.62 14.08 29.03
N GLN A 97 5.72 13.66 28.42
CA GLN A 97 6.17 12.28 28.52
C GLN A 97 7.06 12.05 29.74
N LYS A 98 7.76 13.10 30.16
CA LYS A 98 8.65 13.00 31.32
C LYS A 98 7.87 12.92 32.63
N SER A 99 6.62 13.37 32.61
CA SER A 99 5.78 13.35 33.80
C SER A 99 4.51 12.54 33.59
N ASN A 100 4.62 11.40 32.92
CA ASN A 100 3.46 10.55 32.67
C ASN A 100 3.87 9.18 32.12
N LEU A 101 5.17 8.98 31.94
CA LEU A 101 5.68 7.71 31.42
C LEU A 101 6.65 7.06 32.39
N PHE A 102 6.34 5.83 32.80
CA PHE A 102 7.19 5.08 33.72
C PHE A 102 7.45 5.88 34.99
N LEU A 103 6.39 6.39 35.60
CA LEU A 103 6.50 7.16 36.83
C LEU A 103 6.94 6.28 37.99
N GLY A 104 8.11 6.56 38.54
CA GLY A 104 8.62 5.78 39.65
C GLY A 104 10.05 5.35 39.43
N THR A 105 10.50 5.35 38.18
CA THR A 105 11.85 4.96 37.85
C THR A 105 12.76 6.18 37.71
N THR A 106 14.05 5.94 37.59
CA THR A 106 15.02 7.03 37.45
C THR A 106 14.84 7.71 36.10
N GLN A 107 14.55 9.01 36.13
CA GLN A 107 14.35 9.76 34.90
C GLN A 107 15.61 10.44 34.38
N HIS A 108 16.54 9.63 33.88
CA HIS A 108 17.79 10.16 33.33
C HIS A 108 17.67 10.17 31.81
N THR A 109 17.71 11.36 31.23
CA THR A 109 17.60 11.54 29.79
C THR A 109 18.90 11.24 29.05
N LEU A 110 18.78 10.68 27.86
CA LEU A 110 19.94 10.34 27.05
C LEU A 110 20.59 11.61 26.49
N SER A 111 21.04 11.55 25.23
CA SER A 111 21.68 12.70 24.61
C SER A 111 21.47 12.75 23.10
N PHE A 112 20.33 12.25 22.65
CA PHE A 112 20.01 12.25 21.22
C PHE A 112 18.53 11.98 20.98
N THR A 113 17.92 12.79 20.13
CA THR A 113 16.50 12.66 19.81
C THR A 113 16.22 11.35 19.08
N GLY A 114 14.94 11.02 18.95
CA GLY A 114 14.56 9.79 18.28
C GLY A 114 14.64 9.86 16.77
N ASN A 115 15.12 10.98 16.24
CA ASN A 115 15.26 11.15 14.80
C ASN A 115 16.21 10.10 14.22
N TYR A 116 15.79 9.45 13.15
CA TYR A 116 16.61 8.43 12.51
C TYR A 116 18.07 8.86 12.35
N ASP A 117 18.26 10.06 11.80
CA ASP A 117 19.62 10.57 11.59
C ASP A 117 20.38 10.69 12.90
N ASN A 118 19.68 11.08 13.96
CA ASN A 118 20.30 11.24 15.27
C ASN A 118 20.82 9.92 15.81
N LEU A 119 19.98 8.90 15.78
CA LEU A 119 20.34 7.58 16.27
C LEU A 119 21.55 7.04 15.53
N GLU A 120 21.48 7.01 14.20
CA GLU A 120 22.57 6.51 13.37
C GLU A 120 23.89 7.18 13.73
N THR A 121 23.87 8.50 13.89
CA THR A 121 25.07 9.25 14.22
C THR A 121 25.60 8.90 15.61
N ALA A 122 24.73 8.40 16.47
CA ALA A 122 25.10 8.03 17.83
C ALA A 122 25.61 6.59 17.87
N ALA A 123 25.10 5.76 16.97
CA ALA A 123 25.50 4.36 16.90
C ALA A 123 26.75 4.20 16.06
N GLY A 124 27.20 5.29 15.45
CA GLY A 124 28.39 5.25 14.63
C GLY A 124 28.18 4.52 13.31
N THR A 125 26.94 4.08 13.07
CA THR A 125 26.60 3.36 11.86
C THR A 125 25.28 3.86 11.28
N ARG A 126 24.83 3.23 10.20
CA ARG A 126 23.58 3.60 9.55
C ARG A 126 22.65 2.40 9.42
N ARG A 127 21.36 2.67 9.27
CA ARG A 127 20.37 1.61 9.14
C ARG A 127 20.75 0.57 8.08
N GLU A 128 21.37 1.02 6.99
CA GLU A 128 21.76 0.13 5.91
C GLU A 128 22.77 -0.97 6.29
N SER A 129 23.08 -1.07 7.58
CA SER A 129 24.03 -2.08 8.03
C SER A 129 23.71 -2.64 9.41
N ILE A 130 22.61 -2.18 10.00
CA ILE A 130 22.20 -2.64 11.33
C ILE A 130 21.17 -3.76 11.19
N GLU A 131 21.61 -4.89 10.66
CA GLU A 131 20.77 -6.05 10.45
C GLU A 131 19.74 -6.27 11.55
N LEU A 132 18.51 -6.56 11.16
CA LEU A 132 17.43 -6.80 12.11
C LEU A 132 16.90 -8.22 11.93
N GLY A 133 16.19 -8.72 12.94
CA GLY A 133 15.64 -10.06 12.86
C GLY A 133 15.34 -10.63 14.23
N PRO A 134 15.26 -11.96 14.36
CA PRO A 134 14.96 -12.58 15.66
C PRO A 134 16.11 -12.37 16.64
N ASN A 135 17.29 -12.86 16.26
CA ASN A 135 18.47 -12.72 17.11
C ASN A 135 18.80 -11.24 17.28
N PRO A 136 18.85 -10.48 16.18
CA PRO A 136 19.16 -9.04 16.29
C PRO A 136 18.23 -8.35 17.28
N LEU A 137 16.99 -8.83 17.35
CA LEU A 137 16.01 -8.25 18.26
C LEU A 137 16.40 -8.59 19.69
N ASP A 138 16.80 -9.84 19.91
CA ASP A 138 17.21 -10.30 21.23
C ASP A 138 18.35 -9.43 21.76
N GLY A 139 19.36 -9.22 20.91
CA GLY A 139 20.49 -8.39 21.32
C GLY A 139 20.07 -6.97 21.60
N ALA A 140 19.01 -6.54 20.93
CA ALA A 140 18.48 -5.18 21.11
C ALA A 140 17.88 -5.04 22.50
N ILE A 141 16.85 -5.83 22.78
CA ILE A 141 16.18 -5.79 24.08
C ILE A 141 17.18 -5.99 25.21
N THR A 142 18.05 -6.99 25.05
CA THR A 142 19.06 -7.29 26.05
C THR A 142 19.96 -6.07 26.32
N SER A 143 20.54 -5.54 25.25
CA SER A 143 21.42 -4.38 25.36
C SER A 143 20.74 -3.23 26.08
N LEU A 144 19.47 -2.98 25.74
CA LEU A 144 18.71 -1.90 26.35
C LEU A 144 18.40 -2.23 27.81
N TRP A 145 18.40 -3.51 28.15
CA TRP A 145 18.12 -3.95 29.50
C TRP A 145 19.32 -3.81 30.43
N TYR A 146 20.48 -4.31 29.99
CA TYR A 146 21.68 -4.24 30.80
C TYR A 146 22.51 -2.99 30.54
N ASP A 147 23.09 -2.91 29.35
CA ASP A 147 23.94 -1.78 28.95
C ASP A 147 23.29 -0.41 29.16
N GLY A 148 22.00 -0.40 29.47
CA GLY A 148 21.31 0.85 29.70
C GLY A 148 20.55 1.35 28.48
N GLY A 149 20.80 0.73 27.33
CA GLY A 149 20.11 1.12 26.11
C GLY A 149 20.88 2.10 25.25
N VAL A 150 21.55 1.57 24.23
CA VAL A 150 22.33 2.39 23.32
C VAL A 150 21.51 2.77 22.07
N ALA A 151 22.12 3.52 21.17
CA ALA A 151 21.46 3.95 19.95
C ALA A 151 21.20 2.78 19.00
N ARG A 152 22.24 2.01 18.71
CA ARG A 152 22.13 0.87 17.81
C ARG A 152 20.92 -0.02 18.11
N SER A 153 20.90 -0.61 19.29
CA SER A 153 19.81 -1.48 19.71
C SER A 153 18.46 -0.78 19.56
N LEU A 154 18.44 0.52 19.79
CA LEU A 154 17.22 1.31 19.68
C LEU A 154 16.71 1.32 18.24
N LEU A 155 17.62 1.55 17.29
CA LEU A 155 17.26 1.57 15.88
C LEU A 155 16.70 0.21 15.46
N VAL A 156 17.24 -0.84 16.04
CA VAL A 156 16.81 -2.21 15.75
C VAL A 156 15.34 -2.38 16.11
N LEU A 157 14.91 -1.73 17.19
CA LEU A 157 13.54 -1.82 17.63
C LEU A 157 12.58 -1.02 16.75
N ILE A 158 12.85 0.29 16.64
CA ILE A 158 12.01 1.18 15.82
C ILE A 158 11.58 0.55 14.51
N GLN A 159 12.55 0.13 13.70
CA GLN A 159 12.25 -0.48 12.41
C GLN A 159 11.44 -1.77 12.56
N MET A 160 11.68 -2.49 13.66
CA MET A 160 11.01 -3.76 13.90
C MET A 160 9.55 -3.65 14.35
N VAL A 161 9.18 -2.52 14.94
CA VAL A 161 7.80 -2.37 15.42
C VAL A 161 7.04 -1.21 14.78
N PRO A 162 7.33 0.05 15.18
CA PRO A 162 6.58 1.14 14.56
C PRO A 162 6.67 1.13 13.03
N GLU A 163 7.88 0.92 12.52
CA GLU A 163 8.10 0.90 11.08
C GLU A 163 7.30 -0.21 10.40
N ALA A 164 7.34 -1.40 10.98
CA ALA A 164 6.61 -2.53 10.42
C ALA A 164 5.12 -2.36 10.70
N ALA A 165 4.79 -1.38 11.55
CA ALA A 165 3.41 -1.11 11.92
C ALA A 165 2.71 -0.29 10.83
N ARG A 166 3.46 0.60 10.19
CA ARG A 166 2.91 1.44 9.13
C ARG A 166 3.15 0.83 7.77
N PHE A 167 4.25 0.09 7.64
CA PHE A 167 4.60 -0.55 6.38
C PHE A 167 4.57 -2.07 6.51
N ARG A 168 3.58 -2.70 5.89
CA ARG A 168 3.44 -4.15 5.93
C ARG A 168 4.60 -4.83 5.20
N TYR A 169 5.34 -4.06 4.42
CA TYR A 169 6.48 -4.60 3.69
C TYR A 169 7.53 -5.04 4.69
N ILE A 170 7.81 -4.17 5.67
CA ILE A 170 8.78 -4.48 6.69
C ILE A 170 8.21 -5.58 7.56
N GLU A 171 6.88 -5.63 7.64
CA GLU A 171 6.19 -6.64 8.41
C GLU A 171 6.57 -8.02 7.89
N GLN A 172 6.21 -8.31 6.65
CA GLN A 172 6.52 -9.60 6.05
C GLN A 172 8.03 -9.83 6.01
N GLU A 173 8.79 -8.74 5.95
CA GLU A 173 10.24 -8.84 5.92
C GLU A 173 10.73 -9.41 7.24
N VAL A 174 10.01 -9.09 8.31
CA VAL A 174 10.37 -9.58 9.63
C VAL A 174 9.67 -10.91 9.90
N ARG A 175 8.45 -11.04 9.40
CA ARG A 175 7.67 -12.26 9.58
C ARG A 175 8.41 -13.43 8.96
N ARG A 176 9.10 -13.15 7.85
CA ARG A 176 9.88 -14.16 7.15
C ARG A 176 11.21 -14.35 7.84
N SER A 177 11.67 -13.30 8.53
CA SER A 177 12.93 -13.33 9.26
C SER A 177 12.86 -14.34 10.39
N LEU A 178 11.80 -14.27 11.19
CA LEU A 178 11.62 -15.18 12.30
C LEU A 178 11.21 -16.55 11.78
N GLN A 179 10.54 -16.56 10.63
CA GLN A 179 10.09 -17.80 10.03
C GLN A 179 11.27 -18.69 9.67
N GLN A 180 12.30 -18.09 9.08
CA GLN A 180 13.50 -18.83 8.68
C GLN A 180 14.59 -18.71 9.75
N LEU A 181 14.28 -18.00 10.82
CA LEU A 181 15.23 -17.81 11.92
C LEU A 181 16.53 -17.19 11.42
N THR A 182 16.42 -16.30 10.44
CA THR A 182 17.58 -15.64 9.87
C THR A 182 17.42 -14.12 9.92
N SER A 183 18.54 -13.42 9.98
CA SER A 183 18.54 -11.96 10.04
C SER A 183 18.62 -11.37 8.63
N PHE A 184 18.63 -10.04 8.55
CA PHE A 184 18.71 -9.36 7.27
C PHE A 184 18.96 -7.86 7.45
N THR A 185 19.42 -7.20 6.39
CA THR A 185 19.71 -5.78 6.45
C THR A 185 18.75 -4.97 5.58
N PRO A 186 18.35 -3.77 6.05
CA PRO A 186 17.43 -2.91 5.31
C PRO A 186 17.95 -2.55 3.91
N ASN A 187 17.13 -2.80 2.90
CA ASN A 187 17.51 -2.50 1.52
C ASN A 187 17.20 -1.04 1.20
N ALA A 188 17.44 -0.65 -0.06
CA ALA A 188 17.19 0.73 -0.48
C ALA A 188 15.70 1.06 -0.49
N LEU A 189 14.87 0.06 -0.76
CA LEU A 189 13.42 0.26 -0.79
C LEU A 189 12.89 0.51 0.62
N MET A 190 13.05 -0.48 1.49
CA MET A 190 12.59 -0.37 2.87
C MET A 190 13.01 0.94 3.51
N LEU A 191 14.25 1.34 3.26
CA LEU A 191 14.76 2.58 3.82
C LEU A 191 14.12 3.77 3.13
N SER A 192 13.89 3.65 1.83
CA SER A 192 13.28 4.72 1.05
C SER A 192 11.89 5.05 1.59
N MET A 193 11.03 4.04 1.68
CA MET A 193 9.68 4.25 2.19
C MET A 193 9.74 4.65 3.66
N GLU A 194 10.85 4.31 4.30
CA GLU A 194 11.06 4.63 5.71
C GLU A 194 11.29 6.13 5.91
N ASN A 195 11.68 6.83 4.86
CA ASN A 195 11.92 8.26 4.94
C ASN A 195 10.85 9.08 4.23
N ASN A 196 9.91 8.39 3.58
CA ASN A 196 8.83 9.06 2.86
C ASN A 196 7.48 8.84 3.51
N TRP A 197 7.44 8.76 4.84
CA TRP A 197 6.18 8.55 5.54
C TRP A 197 5.35 9.82 5.49
N SER A 198 5.97 10.95 5.82
CA SER A 198 5.29 12.23 5.81
C SER A 198 4.97 12.67 4.40
N SER A 199 5.88 12.41 3.48
CA SER A 199 5.69 12.78 2.08
C SER A 199 4.47 12.07 1.51
N MET A 200 4.55 10.74 1.46
CA MET A 200 3.45 9.95 0.94
C MET A 200 2.19 10.19 1.76
N SER A 201 2.38 10.68 2.99
CA SER A 201 1.26 10.95 3.86
C SER A 201 0.33 11.99 3.25
N LEU A 202 0.84 13.20 3.05
CA LEU A 202 0.03 14.26 2.47
C LEU A 202 -0.28 13.98 1.00
N GLU A 203 0.58 13.21 0.34
CA GLU A 203 0.38 12.88 -1.06
C GLU A 203 -0.84 11.99 -1.24
N VAL A 204 -1.31 11.41 -0.13
CA VAL A 204 -2.49 10.55 -0.17
C VAL A 204 -3.70 11.31 0.33
N GLN A 205 -3.46 12.28 1.20
CA GLN A 205 -4.54 13.10 1.75
C GLN A 205 -4.88 14.18 0.75
N LEU A 206 -3.93 14.51 -0.12
CA LEU A 206 -4.13 15.52 -1.13
C LEU A 206 -5.13 14.99 -2.15
N SER A 207 -4.86 13.81 -2.68
CA SER A 207 -5.75 13.20 -3.67
C SER A 207 -7.15 13.06 -3.10
N GLY A 208 -7.23 12.80 -1.80
CA GLY A 208 -8.53 12.64 -1.16
C GLY A 208 -8.95 11.18 -1.07
N ASP A 209 -10.13 10.94 -0.49
CA ASP A 209 -10.61 9.57 -0.35
C ASP A 209 -11.10 8.99 -1.67
N ASN A 210 -10.88 7.69 -1.86
CA ASN A 210 -11.28 6.99 -3.06
C ASN A 210 -10.70 7.58 -4.35
N VAL A 211 -9.46 8.07 -4.25
CA VAL A 211 -8.78 8.66 -5.40
C VAL A 211 -7.48 7.91 -5.64
N SER A 212 -7.14 7.68 -6.90
CA SER A 212 -5.93 6.95 -7.24
C SER A 212 -4.70 7.83 -7.54
N PRO A 213 -4.83 8.77 -8.50
CA PRO A 213 -3.70 9.63 -8.84
C PRO A 213 -3.23 10.54 -7.71
N PHE A 214 -1.93 10.85 -7.72
CA PHE A 214 -1.35 11.73 -6.70
C PHE A 214 -1.11 13.10 -7.30
N SER A 215 -1.26 14.14 -6.47
CA SER A 215 -1.03 15.50 -6.94
C SER A 215 0.44 15.64 -7.31
N GLY A 216 1.26 14.78 -6.72
CA GLY A 216 2.68 14.80 -6.97
C GLY A 216 3.22 13.39 -7.13
N THR A 217 4.43 13.16 -6.63
CA THR A 217 5.04 11.83 -6.72
C THR A 217 5.86 11.51 -5.47
N VAL A 218 5.98 10.22 -5.18
CA VAL A 218 6.75 9.76 -4.02
C VAL A 218 8.09 9.24 -4.50
N GLN A 219 9.16 9.77 -3.93
CA GLN A 219 10.51 9.37 -4.29
C GLN A 219 10.98 8.11 -3.57
N LEU A 220 10.62 6.95 -4.12
CA LEU A 220 11.02 5.67 -3.54
C LEU A 220 12.37 5.26 -4.15
N GLN A 221 12.87 4.10 -3.74
CA GLN A 221 14.15 3.62 -4.27
C GLN A 221 14.21 2.11 -4.43
N ASN A 222 14.66 1.67 -5.60
CA ASN A 222 14.76 0.24 -5.89
C ASN A 222 16.04 -0.32 -5.27
N TYR A 223 16.23 -1.62 -5.40
CA TYR A 223 17.42 -2.28 -4.85
C TYR A 223 18.69 -1.66 -5.42
N ASP A 224 18.70 -1.48 -6.74
CA ASP A 224 19.84 -0.89 -7.43
C ASP A 224 20.01 0.59 -7.14
N HIS A 225 19.25 1.08 -6.16
CA HIS A 225 19.30 2.48 -5.74
C HIS A 225 18.59 3.42 -6.72
N THR A 226 18.19 2.90 -7.87
CA THR A 226 17.51 3.72 -8.87
C THR A 226 16.23 4.34 -8.30
N PRO A 227 15.82 5.50 -8.82
CA PRO A 227 14.62 6.20 -8.35
C PRO A 227 13.32 5.50 -8.77
N ARG A 228 12.43 5.29 -7.80
CA ARG A 228 11.15 4.66 -8.07
C ARG A 228 10.04 5.64 -7.70
N LEU A 229 9.60 6.41 -8.68
CA LEU A 229 8.56 7.40 -8.45
C LEU A 229 7.16 6.81 -8.62
N VAL A 230 6.39 6.80 -7.54
CA VAL A 230 5.03 6.27 -7.58
C VAL A 230 4.05 7.45 -7.67
N ASP A 231 3.22 7.45 -8.71
CA ASP A 231 2.26 8.53 -8.93
C ASP A 231 0.84 8.17 -8.51
N ASN A 232 0.56 6.88 -8.35
CA ASN A 232 -0.78 6.45 -7.95
C ASN A 232 -0.77 5.73 -6.61
N PHE A 233 -1.95 5.69 -5.96
CA PHE A 233 -2.08 5.03 -4.67
C PHE A 233 -1.90 3.52 -4.79
N GLU A 234 -2.62 2.92 -5.74
CA GLU A 234 -2.56 1.49 -5.97
C GLU A 234 -1.12 0.99 -6.01
N GLU A 235 -0.23 1.81 -6.56
CA GLU A 235 1.18 1.45 -6.64
C GLU A 235 1.83 1.53 -5.26
N LEU A 236 1.61 2.64 -4.57
CA LEU A 236 2.17 2.84 -3.24
C LEU A 236 1.82 1.70 -2.29
N TYR A 237 0.58 1.23 -2.37
CA TYR A 237 0.13 0.15 -1.51
C TYR A 237 0.73 -1.19 -1.91
N LYS A 238 0.69 -1.49 -3.21
CA LYS A 238 1.22 -2.74 -3.72
C LYS A 238 2.72 -2.89 -3.49
N ILE A 239 3.38 -1.82 -3.02
CA ILE A 239 4.81 -1.88 -2.79
C ILE A 239 5.19 -1.63 -1.33
N THR A 240 4.77 -0.49 -0.79
CA THR A 240 5.08 -0.15 0.59
C THR A 240 4.16 -0.85 1.58
N GLY A 241 3.07 -1.40 1.06
CA GLY A 241 2.12 -2.10 1.92
C GLY A 241 1.70 -1.26 3.11
N ILE A 242 1.71 0.06 2.95
CA ILE A 242 1.34 0.96 4.02
C ILE A 242 0.00 0.59 4.65
N ALA A 243 -0.18 0.93 5.92
CA ALA A 243 -1.39 0.63 6.66
C ALA A 243 -1.63 1.68 7.73
N ILE A 244 -0.80 2.72 7.73
CA ILE A 244 -0.90 3.81 8.69
C ILE A 244 -0.50 5.12 8.03
N LEU A 245 -1.39 6.11 8.13
CA LEU A 245 -1.14 7.42 7.53
C LEU A 245 -1.00 8.50 8.59
N LEU A 246 0.03 9.32 8.45
CA LEU A 246 0.28 10.41 9.39
C LEU A 246 -0.44 11.68 8.95
N PHE A 247 -0.90 12.46 9.92
CA PHE A 247 -1.61 13.70 9.61
C PHE A 247 -0.72 14.76 8.99
N ARG A 248 -1.28 15.51 8.04
CA ARG A 248 -0.56 16.58 7.35
C ARG A 248 -1.55 17.65 6.91
N CYS A 249 -2.71 17.21 6.45
CA CYS A 249 -3.78 18.10 5.99
C CYS A 249 -5.13 17.44 6.20
N VAL A 250 -6.20 18.23 6.19
CA VAL A 250 -7.54 17.69 6.38
C VAL A 250 -8.34 17.69 5.09
N ALA A 251 -9.37 16.85 5.03
CA ALA A 251 -10.22 16.75 3.84
C ALA A 251 -10.73 18.11 3.41
N THR A 252 -11.07 18.23 2.14
CA THR A 252 -11.56 19.49 1.59
C THR A 252 -12.93 19.30 0.91
N GLY B 2 -8.17 22.91 13.22
CA GLY B 2 -8.27 22.33 11.85
C GLY B 2 -7.16 22.81 10.94
N GLU B 3 -7.01 22.17 9.79
CA GLU B 3 -5.98 22.54 8.84
C GLU B 3 -6.32 22.05 7.43
N THR B 4 -7.11 22.85 6.71
CA THR B 4 -7.52 22.52 5.35
C THR B 4 -6.32 22.05 4.54
N CYS B 5 -6.58 21.14 3.60
CA CYS B 5 -5.51 20.63 2.75
C CYS B 5 -5.05 21.70 1.77
N ALA B 6 -4.82 21.31 0.51
CA ALA B 6 -4.36 22.27 -0.50
C ALA B 6 -4.82 21.86 -1.89
N ILE B 7 -5.32 22.84 -2.64
CA ILE B 7 -5.78 22.58 -4.00
C ILE B 7 -4.61 22.18 -4.89
N PRO B 8 -4.64 20.97 -5.46
CA PRO B 8 -3.57 20.48 -6.33
C PRO B 8 -3.55 21.11 -7.71
N ALA B 9 -2.35 21.38 -8.21
CA ALA B 9 -2.17 21.97 -9.54
C ALA B 9 -2.23 20.88 -10.59
N PRO B 10 -2.21 21.26 -11.88
CA PRO B 10 -2.27 20.25 -12.95
C PRO B 10 -1.03 19.37 -13.03
N PHE B 11 -1.22 18.13 -13.47
CA PHE B 11 -0.12 17.18 -13.61
C PHE B 11 -0.35 16.28 -14.82
N THR B 12 0.73 15.93 -15.51
CA THR B 12 0.64 15.09 -16.70
C THR B 12 1.02 13.64 -16.41
N ARG B 13 0.02 12.75 -16.40
CA ARG B 13 0.26 11.35 -16.15
C ARG B 13 -0.37 10.50 -17.26
N ARG B 14 0.22 9.35 -17.53
CA ARG B 14 -0.27 8.45 -18.58
C ARG B 14 -1.51 7.67 -18.15
N ILE B 15 -2.07 6.91 -19.09
CA ILE B 15 -3.25 6.11 -18.81
C ILE B 15 -3.16 4.75 -19.51
N VAL B 16 -3.40 3.69 -18.74
CA VAL B 16 -3.35 2.33 -19.27
C VAL B 16 -4.47 1.51 -18.65
N GLY B 17 -4.90 0.45 -19.34
CA GLY B 17 -5.98 -0.36 -18.80
C GLY B 17 -6.33 -1.63 -19.57
N ARG B 18 -5.36 -2.19 -20.28
CA ARG B 18 -5.59 -3.42 -21.04
C ARG B 18 -4.41 -3.80 -21.93
N ASP B 19 -3.90 -5.01 -21.72
CA ASP B 19 -2.76 -5.52 -22.48
C ASP B 19 -1.57 -4.56 -22.43
N GLY B 20 -1.54 -3.73 -21.40
CA GLY B 20 -0.46 -2.78 -21.25
C GLY B 20 -0.49 -1.70 -22.33
N LEU B 21 -1.70 -1.40 -22.81
CA LEU B 21 -1.88 -0.39 -23.83
C LEU B 21 -2.19 0.96 -23.19
N CYS B 22 -1.69 2.03 -23.82
CA CYS B 22 -1.90 3.38 -23.31
C CYS B 22 -3.02 4.08 -24.05
N VAL B 23 -3.74 4.95 -23.34
CA VAL B 23 -4.83 5.71 -23.92
C VAL B 23 -4.24 6.97 -24.53
N ASP B 24 -4.64 7.28 -25.76
CA ASP B 24 -4.14 8.47 -26.45
C ASP B 24 -5.08 8.93 -27.55
N VAL B 25 -4.70 10.00 -28.23
CA VAL B 25 -5.51 10.55 -29.31
C VAL B 25 -4.97 10.09 -30.66
N ARG B 26 -5.88 9.85 -31.60
CA ARG B 26 -5.51 9.40 -32.94
C ARG B 26 -4.62 10.39 -33.66
N ASN B 27 -3.43 9.95 -34.05
CA ASN B 27 -2.47 10.78 -34.76
C ASN B 27 -2.11 12.05 -34.00
N GLY B 28 -2.42 12.08 -32.71
CA GLY B 28 -2.10 13.24 -31.90
C GLY B 28 -2.58 14.54 -32.52
N TYR B 29 -3.75 14.50 -33.16
CA TYR B 29 -4.31 15.68 -33.80
C TYR B 29 -5.11 16.48 -32.77
N ASP B 30 -4.62 17.67 -32.44
CA ASP B 30 -5.27 18.54 -31.47
C ASP B 30 -6.61 19.07 -31.96
N THR B 31 -7.07 18.58 -33.11
CA THR B 31 -8.33 19.01 -33.67
C THR B 31 -9.51 18.39 -32.93
N ASP B 32 -10.61 19.11 -32.86
CA ASP B 32 -11.81 18.63 -32.18
C ASP B 32 -12.39 17.42 -32.90
N GLY B 33 -13.17 16.63 -32.19
CA GLY B 33 -13.79 15.46 -32.79
C GLY B 33 -12.90 14.23 -32.76
N THR B 34 -11.59 14.43 -32.79
CA THR B 34 -10.64 13.32 -32.76
C THR B 34 -10.93 12.38 -31.60
N PRO B 35 -11.32 11.13 -31.90
CA PRO B 35 -11.63 10.13 -30.88
C PRO B 35 -10.42 9.63 -30.08
N ILE B 36 -10.69 8.84 -29.05
CA ILE B 36 -9.61 8.28 -28.22
C ILE B 36 -9.51 6.78 -28.48
N GLN B 37 -8.31 6.24 -28.34
CA GLN B 37 -8.09 4.81 -28.59
C GLN B 37 -6.86 4.25 -27.90
N LEU B 38 -6.85 2.94 -27.71
CA LEU B 38 -5.73 2.25 -27.08
C LEU B 38 -4.57 2.22 -28.07
N TRP B 39 -3.35 2.31 -27.56
CA TRP B 39 -2.17 2.31 -28.40
C TRP B 39 -0.92 2.15 -27.54
N PRO B 40 0.05 1.35 -27.99
CA PRO B 40 1.29 1.15 -27.25
C PRO B 40 1.86 2.44 -26.67
N CYS B 41 2.14 2.43 -25.37
CA CYS B 41 2.67 3.59 -24.68
C CYS B 41 3.91 4.16 -25.38
N GLY B 42 4.27 5.38 -25.01
CA GLY B 42 5.42 6.03 -25.60
C GLY B 42 5.46 7.51 -25.25
N THR B 43 6.63 8.11 -25.34
CA THR B 43 6.78 9.53 -25.03
C THR B 43 6.15 10.39 -26.12
N GLN B 44 4.92 10.81 -25.89
CA GLN B 44 4.21 11.65 -26.85
C GLN B 44 3.04 12.37 -26.18
N ARG B 45 2.73 13.57 -26.67
CA ARG B 45 1.65 14.36 -26.11
C ARG B 45 0.30 13.64 -26.18
N ASN B 46 -0.02 13.09 -27.33
CA ASN B 46 -1.29 12.38 -27.48
C ASN B 46 -1.47 11.33 -26.39
N GLN B 47 -0.34 10.81 -25.89
CA GLN B 47 -0.37 9.81 -24.83
C GLN B 47 -0.35 10.51 -23.46
N GLN B 48 0.20 11.72 -23.44
CA GLN B 48 0.27 12.51 -22.21
C GLN B 48 -1.09 13.10 -21.88
N TRP B 49 -1.45 13.09 -20.60
CA TRP B 49 -2.74 13.63 -20.18
C TRP B 49 -2.61 14.46 -18.90
N THR B 50 -3.24 15.64 -18.90
CA THR B 50 -3.20 16.53 -17.73
C THR B 50 -4.52 16.50 -16.98
N PHE B 51 -4.44 16.43 -15.66
CA PHE B 51 -5.63 16.40 -14.81
C PHE B 51 -5.77 17.73 -14.08
N TYR B 52 -6.99 18.26 -14.06
CA TYR B 52 -7.27 19.53 -13.40
C TYR B 52 -8.24 19.36 -12.24
N ASN B 53 -8.26 20.34 -11.34
CA ASN B 53 -9.14 20.30 -10.18
C ASN B 53 -10.61 20.27 -10.60
N ASP B 54 -10.94 21.02 -11.65
CA ASP B 54 -12.31 21.09 -12.14
C ASP B 54 -12.85 19.70 -12.49
N LYS B 55 -11.94 18.75 -12.63
CA LYS B 55 -12.28 17.36 -12.96
C LYS B 55 -12.24 17.13 -14.47
N THR B 56 -11.24 17.70 -15.13
CA THR B 56 -11.09 17.55 -16.56
C THR B 56 -9.70 17.08 -16.97
N ILE B 57 -9.65 16.04 -17.79
CA ILE B 57 -8.40 15.49 -18.29
C ILE B 57 -8.25 15.95 -19.73
N ARG B 58 -7.04 16.30 -20.15
CA ARG B 58 -6.84 16.77 -21.51
C ARG B 58 -5.40 16.76 -22.00
N SER B 59 -5.24 16.62 -23.30
CA SER B 59 -3.93 16.61 -23.94
C SER B 59 -3.91 17.62 -25.08
N MET B 60 -2.73 18.18 -25.35
CA MET B 60 -2.57 19.16 -26.42
C MET B 60 -3.38 20.42 -26.11
N GLY B 61 -4.00 20.45 -24.93
CA GLY B 61 -4.79 21.59 -24.54
C GLY B 61 -6.24 21.47 -24.97
N LYS B 62 -6.61 20.30 -25.48
CA LYS B 62 -7.98 20.07 -25.93
C LYS B 62 -8.69 19.07 -25.02
N CYS B 63 -9.53 19.61 -24.12
CA CYS B 63 -10.26 18.79 -23.17
C CYS B 63 -10.70 17.44 -23.71
N MET B 64 -10.48 16.40 -22.90
CA MET B 64 -10.86 15.05 -23.26
C MET B 64 -12.31 14.84 -22.83
N THR B 65 -13.24 15.13 -23.75
CA THR B 65 -14.67 15.00 -23.46
C THR B 65 -15.34 13.85 -24.21
N ALA B 66 -16.51 13.45 -23.75
CA ALA B 66 -17.26 12.36 -24.37
C ALA B 66 -18.08 12.83 -25.58
N ASN B 67 -18.21 11.95 -26.57
CA ASN B 67 -18.97 12.24 -27.78
C ASN B 67 -20.36 11.60 -27.72
N GLY B 68 -21.37 12.40 -27.45
CA GLY B 68 -22.72 11.87 -27.35
C GLY B 68 -22.84 11.13 -26.03
N LEU B 69 -23.98 11.27 -25.36
CA LEU B 69 -24.19 10.60 -24.09
C LEU B 69 -25.25 9.51 -24.12
N ASN B 70 -24.79 8.27 -24.00
CA ASN B 70 -25.65 7.10 -23.99
C ASN B 70 -24.77 5.85 -24.00
N SER B 71 -25.02 4.94 -23.06
CA SER B 71 -24.26 3.71 -22.96
C SER B 71 -23.88 3.15 -24.33
N GLY B 72 -22.64 3.40 -24.75
CA GLY B 72 -22.18 2.91 -26.04
C GLY B 72 -21.46 3.98 -26.83
N SER B 73 -21.55 5.22 -26.37
CA SER B 73 -20.90 6.35 -27.03
C SER B 73 -19.39 6.33 -26.82
N TYR B 74 -18.65 6.72 -27.85
CA TYR B 74 -17.19 6.75 -27.78
C TYR B 74 -16.68 8.06 -27.17
N ILE B 75 -15.36 8.16 -27.02
CA ILE B 75 -14.73 9.35 -26.45
C ILE B 75 -13.86 10.07 -27.47
N MET B 76 -13.65 11.37 -27.27
CA MET B 76 -12.85 12.17 -28.17
C MET B 76 -12.39 13.47 -27.49
N ILE B 77 -11.58 14.27 -28.17
CA ILE B 77 -11.12 15.52 -27.59
C ILE B 77 -11.68 16.75 -28.31
N THR B 78 -12.05 17.76 -27.53
CA THR B 78 -12.62 18.99 -28.09
C THR B 78 -12.44 20.14 -27.11
N ASP B 79 -12.34 21.36 -27.64
CA ASP B 79 -12.18 22.56 -26.83
C ASP B 79 -12.93 22.49 -25.51
N CYS B 80 -12.29 22.90 -24.44
CA CYS B 80 -12.88 22.90 -23.10
C CYS B 80 -14.11 23.80 -23.03
N SER B 81 -13.94 25.05 -23.41
CA SER B 81 -15.02 26.03 -23.39
C SER B 81 -16.33 25.51 -23.95
N THR B 82 -16.31 25.10 -25.22
CA THR B 82 -17.49 24.59 -25.89
C THR B 82 -17.91 23.20 -25.41
N ALA B 83 -16.96 22.44 -24.87
CA ALA B 83 -17.24 21.09 -24.38
C ALA B 83 -18.42 21.07 -23.40
N ALA B 84 -19.29 20.09 -23.57
CA ALA B 84 -20.47 19.95 -22.70
C ALA B 84 -20.04 19.92 -21.23
N GLU B 85 -20.54 20.88 -20.46
CA GLU B 85 -20.23 20.98 -19.05
C GLU B 85 -20.12 19.64 -18.33
N ASP B 86 -21.03 18.72 -18.66
CA ASP B 86 -21.04 17.41 -18.03
C ASP B 86 -20.19 16.38 -18.78
N ALA B 87 -20.23 16.42 -20.11
CA ALA B 87 -19.46 15.48 -20.92
C ALA B 87 -17.97 15.78 -20.95
N THR B 88 -17.46 16.42 -19.91
CA THR B 88 -16.04 16.76 -19.85
C THR B 88 -15.41 16.36 -18.51
N LYS B 89 -16.24 16.24 -17.48
CA LYS B 89 -15.75 15.87 -16.15
C LYS B 89 -15.56 14.36 -16.03
N TRP B 90 -14.56 13.95 -15.26
CA TRP B 90 -14.28 12.53 -15.07
C TRP B 90 -13.90 12.21 -13.64
N GLU B 91 -14.21 10.98 -13.22
CA GLU B 91 -13.91 10.53 -11.87
C GLU B 91 -13.00 9.30 -11.91
N VAL B 92 -11.93 9.34 -11.12
CA VAL B 92 -10.98 8.23 -11.07
C VAL B 92 -10.85 7.67 -9.67
N LEU B 93 -11.72 6.72 -9.33
CA LEU B 93 -11.69 6.10 -8.02
C LEU B 93 -10.54 5.11 -7.91
N ILE B 94 -10.23 4.69 -6.68
CA ILE B 94 -9.15 3.75 -6.45
C ILE B 94 -9.47 2.38 -7.00
N ASP B 95 -10.70 2.21 -7.47
CA ASP B 95 -11.15 0.94 -8.03
C ASP B 95 -10.60 0.76 -9.44
N GLY B 96 -9.71 1.66 -9.84
CA GLY B 96 -9.13 1.59 -11.17
C GLY B 96 -10.17 1.75 -12.26
N SER B 97 -10.95 2.83 -12.17
CA SER B 97 -11.99 3.09 -13.15
C SER B 97 -12.22 4.60 -13.31
N ILE B 98 -12.47 5.00 -14.55
CA ILE B 98 -12.71 6.41 -14.87
C ILE B 98 -14.17 6.60 -15.25
N ILE B 99 -15.01 6.82 -14.24
CA ILE B 99 -16.44 6.99 -14.46
C ILE B 99 -16.85 8.45 -14.67
N ASN B 100 -17.73 8.66 -15.64
CA ASN B 100 -18.23 10.00 -15.96
C ASN B 100 -19.39 10.34 -15.01
N PRO B 101 -19.14 11.24 -14.06
CA PRO B 101 -20.13 11.70 -13.06
C PRO B 101 -21.57 11.73 -13.56
N SER B 102 -21.94 12.85 -14.18
CA SER B 102 -23.29 13.05 -14.70
C SER B 102 -23.98 11.78 -15.22
N SER B 103 -23.39 11.17 -16.23
CA SER B 103 -23.95 9.95 -16.82
C SER B 103 -23.93 8.77 -15.87
N GLY B 104 -22.74 8.29 -15.56
CA GLY B 104 -22.58 7.15 -14.67
C GLY B 104 -21.84 6.04 -15.39
N LEU B 105 -21.59 6.26 -16.67
CA LEU B 105 -20.88 5.29 -17.50
C LEU B 105 -19.39 5.36 -17.18
N VAL B 106 -18.63 4.39 -17.65
CA VAL B 106 -17.19 4.35 -17.39
C VAL B 106 -16.39 4.06 -18.66
N MET B 107 -15.19 4.61 -18.74
CA MET B 107 -14.33 4.39 -19.89
C MET B 107 -14.13 2.89 -20.09
N THR B 108 -14.76 2.35 -21.13
CA THR B 108 -14.66 0.92 -21.41
C THR B 108 -13.84 0.62 -22.66
N ALA B 109 -13.18 -0.52 -22.65
CA ALA B 109 -12.36 -0.95 -23.79
C ALA B 109 -12.83 -2.32 -24.27
N PRO B 110 -13.88 -2.36 -25.10
CA PRO B 110 -14.45 -3.60 -25.64
C PRO B 110 -13.40 -4.67 -25.93
N SER B 111 -12.37 -4.29 -26.71
CA SER B 111 -11.30 -5.22 -27.06
C SER B 111 -9.95 -4.56 -26.81
N GLY B 112 -9.03 -5.30 -26.19
CA GLY B 112 -7.71 -4.77 -25.92
C GLY B 112 -6.77 -4.91 -27.09
N ALA B 113 -7.16 -4.33 -28.22
CA ALA B 113 -6.34 -4.38 -29.42
C ALA B 113 -5.81 -2.99 -29.78
N SER B 114 -4.63 -2.95 -30.38
CA SER B 114 -4.02 -1.68 -30.77
C SER B 114 -4.93 -0.94 -31.74
N ARG B 115 -5.03 0.38 -31.55
CA ARG B 115 -5.86 1.22 -32.43
C ARG B 115 -7.34 0.97 -32.18
N THR B 116 -7.68 0.56 -30.97
CA THR B 116 -9.07 0.29 -30.61
C THR B 116 -9.64 1.52 -29.90
N THR B 117 -10.67 2.11 -30.49
CA THR B 117 -11.29 3.30 -29.91
C THR B 117 -12.06 2.95 -28.64
N LEU B 118 -12.00 3.86 -27.67
CA LEU B 118 -12.68 3.66 -26.40
C LEU B 118 -14.13 4.16 -26.47
N LEU B 119 -14.90 3.89 -25.41
CA LEU B 119 -16.29 4.32 -25.38
C LEU B 119 -16.95 4.08 -24.03
N LEU B 120 -17.71 5.07 -23.58
CA LEU B 120 -18.42 4.97 -22.30
C LEU B 120 -19.47 3.87 -22.39
N GLU B 121 -19.61 3.10 -21.31
CA GLU B 121 -20.58 2.02 -21.30
C GLU B 121 -21.09 1.71 -19.90
N ASN B 122 -22.04 0.79 -19.81
CA ASN B 122 -22.63 0.39 -18.54
C ASN B 122 -21.58 -0.30 -17.66
N ASN B 123 -21.14 0.40 -16.62
CA ASN B 123 -20.14 -0.14 -15.71
C ASN B 123 -20.59 -1.49 -15.13
N ILE B 124 -19.81 -2.52 -15.40
CA ILE B 124 -20.12 -3.87 -14.92
C ILE B 124 -18.92 -4.50 -14.23
N HIS B 125 -17.88 -3.70 -14.00
CA HIS B 125 -16.67 -4.17 -13.35
C HIS B 125 -15.94 -5.24 -14.16
N ALA B 126 -15.25 -4.81 -15.22
CA ALA B 126 -14.51 -5.72 -16.08
C ALA B 126 -13.10 -5.18 -16.33
N ALA B 127 -12.17 -6.07 -16.66
CA ALA B 127 -10.80 -5.67 -16.93
C ALA B 127 -10.77 -4.58 -17.98
N SER B 128 -11.70 -4.66 -18.93
CA SER B 128 -11.81 -3.67 -20.00
C SER B 128 -12.05 -2.30 -19.39
N GLN B 129 -12.85 -2.28 -18.32
CA GLN B 129 -13.18 -1.03 -17.63
C GLN B 129 -12.22 -0.76 -16.48
N GLY B 130 -10.97 -1.18 -16.64
CA GLY B 130 -9.98 -0.97 -15.61
C GLY B 130 -8.86 -0.07 -16.13
N TRP B 131 -8.63 1.04 -15.46
CA TRP B 131 -7.59 1.97 -15.87
C TRP B 131 -6.78 2.48 -14.67
N THR B 132 -5.48 2.66 -14.88
CA THR B 132 -4.59 3.14 -13.83
C THR B 132 -3.76 4.30 -14.36
N VAL B 133 -4.02 5.50 -13.86
CA VAL B 133 -3.30 6.69 -14.28
C VAL B 133 -1.92 6.74 -13.62
N SER B 134 -0.87 6.77 -14.46
CA SER B 134 0.50 6.82 -13.94
C SER B 134 1.53 7.05 -15.04
N ASN B 135 2.62 7.72 -14.68
CA ASN B 135 3.70 7.99 -15.63
C ASN B 135 4.51 6.72 -15.85
N ASP B 136 4.44 5.80 -14.88
CA ASP B 136 5.16 4.54 -14.98
C ASP B 136 4.28 3.46 -15.57
N VAL B 137 4.23 3.41 -16.89
CA VAL B 137 3.43 2.44 -17.61
C VAL B 137 3.97 1.01 -17.47
N GLN B 138 5.00 0.86 -16.64
CA GLN B 138 5.61 -0.45 -16.41
C GLN B 138 5.09 -1.08 -15.12
N PRO B 139 4.41 -2.23 -15.24
CA PRO B 139 3.88 -2.90 -14.04
C PRO B 139 4.99 -3.34 -13.09
N ILE B 140 4.59 -3.81 -11.90
CA ILE B 140 5.56 -4.26 -10.91
C ILE B 140 5.47 -5.76 -10.64
N ALA B 141 6.62 -6.40 -10.52
CA ALA B 141 6.67 -7.84 -10.25
C ALA B 141 6.46 -8.03 -8.76
N THR B 142 5.73 -9.08 -8.38
CA THR B 142 5.45 -9.33 -6.96
C THR B 142 4.87 -10.71 -6.71
N LEU B 143 5.11 -11.24 -5.51
CA LEU B 143 4.59 -12.54 -5.12
C LEU B 143 3.52 -12.34 -4.06
N ILE B 144 2.39 -13.01 -4.23
CA ILE B 144 1.29 -12.88 -3.29
C ILE B 144 1.41 -13.83 -2.10
N VAL B 145 2.02 -13.36 -1.03
CA VAL B 145 2.20 -14.15 0.18
C VAL B 145 0.95 -14.09 1.05
N GLY B 146 0.18 -15.18 1.05
CA GLY B 146 -1.03 -15.20 1.84
C GLY B 146 -0.90 -15.94 3.16
N TYR B 147 -1.73 -16.96 3.34
CA TYR B 147 -1.73 -17.77 4.55
C TYR B 147 -0.39 -18.41 4.88
N ASN B 148 -0.13 -18.57 6.18
CA ASN B 148 1.11 -19.17 6.68
C ASN B 148 2.34 -18.79 5.87
N GLU B 149 2.52 -17.48 5.67
CA GLU B 149 3.67 -16.95 4.94
C GLU B 149 3.96 -17.70 3.64
N MET B 150 2.95 -18.33 3.07
CA MET B 150 3.11 -19.06 1.82
C MET B 150 2.75 -18.15 0.64
N CYS B 151 3.40 -18.38 -0.49
CA CYS B 151 3.17 -17.59 -1.69
C CYS B 151 2.18 -18.26 -2.63
N LEU B 152 1.36 -17.45 -3.30
CA LEU B 152 0.38 -17.96 -4.24
C LEU B 152 1.12 -18.48 -5.46
N GLN B 153 0.77 -19.69 -5.90
CA GLN B 153 1.43 -20.30 -7.05
C GLN B 153 0.51 -20.52 -8.23
N ALA B 154 1.06 -20.39 -9.44
CA ALA B 154 0.30 -20.58 -10.66
C ALA B 154 0.72 -21.91 -11.28
N ASN B 155 -0.23 -22.82 -11.43
CA ASN B 155 0.06 -24.14 -12.00
C ASN B 155 0.02 -24.10 -13.52
N GLY B 156 -0.80 -24.97 -14.11
CA GLY B 156 -0.91 -25.00 -15.56
C GLY B 156 -2.08 -24.20 -16.08
N GLU B 157 -2.17 -24.06 -17.39
CA GLU B 157 -3.25 -23.30 -18.00
C GLU B 157 -4.59 -23.95 -17.67
N ASN B 158 -5.58 -23.13 -17.34
CA ASN B 158 -6.91 -23.62 -16.99
C ASN B 158 -6.92 -24.37 -15.67
N ASN B 159 -5.74 -24.54 -15.07
CA ASN B 159 -5.62 -25.24 -13.80
C ASN B 159 -5.92 -24.29 -12.64
N ASN B 160 -5.90 -24.84 -11.43
CA ASN B 160 -6.18 -24.08 -10.22
C ASN B 160 -5.05 -23.12 -9.85
N VAL B 161 -4.94 -22.83 -8.55
CA VAL B 161 -3.92 -21.93 -8.01
C VAL B 161 -3.97 -22.05 -6.49
N TRP B 162 -2.93 -22.61 -5.89
CA TRP B 162 -2.91 -22.77 -4.44
C TRP B 162 -1.66 -22.18 -3.80
N MET B 163 -1.59 -22.27 -2.47
CA MET B 163 -0.46 -21.75 -1.71
C MET B 163 0.68 -22.75 -1.64
N GLU B 164 1.83 -22.36 -2.18
CA GLU B 164 3.00 -23.22 -2.18
C GLU B 164 4.14 -22.53 -1.43
N ASP B 165 5.07 -23.32 -0.90
CA ASP B 165 6.20 -22.79 -0.16
C ASP B 165 6.87 -21.65 -0.94
N CYS B 166 6.88 -20.47 -0.35
CA CYS B 166 7.47 -19.29 -0.98
C CYS B 166 8.85 -19.56 -1.55
N ASP B 167 9.05 -19.17 -2.80
CA ASP B 167 10.31 -19.34 -3.49
C ASP B 167 10.51 -18.17 -4.43
N VAL B 168 11.39 -17.24 -4.05
CA VAL B 168 11.66 -16.06 -4.86
C VAL B 168 12.39 -16.36 -6.16
N THR B 169 12.33 -17.61 -6.59
CA THR B 169 12.98 -18.02 -7.84
C THR B 169 11.96 -18.62 -8.80
N SER B 170 11.02 -19.38 -8.26
CA SER B 170 9.99 -20.01 -9.07
C SER B 170 9.13 -18.96 -9.77
N VAL B 171 9.13 -19.00 -11.10
CA VAL B 171 8.34 -18.05 -11.88
C VAL B 171 6.84 -18.23 -11.64
N GLN B 172 6.46 -19.44 -11.23
CA GLN B 172 5.06 -19.75 -10.96
C GLN B 172 4.54 -18.88 -9.81
N GLN B 173 5.46 -18.32 -9.05
CA GLN B 173 5.11 -17.47 -7.91
C GLN B 173 5.25 -16.00 -8.28
N GLN B 174 5.88 -15.74 -9.41
CA GLN B 174 6.09 -14.37 -9.88
C GLN B 174 4.82 -13.83 -10.52
N TRP B 175 4.09 -13.01 -9.77
CA TRP B 175 2.84 -12.43 -10.24
C TRP B 175 3.04 -11.01 -10.79
N ALA B 176 2.43 -10.74 -11.94
CA ALA B 176 2.53 -9.44 -12.57
C ALA B 176 1.20 -8.70 -12.48
N LEU B 177 1.21 -7.57 -11.81
CA LEU B 177 -0.01 -6.76 -11.64
C LEU B 177 -0.12 -5.70 -12.74
N PHE B 178 -1.01 -5.93 -13.69
CA PHE B 178 -1.21 -4.99 -14.79
C PHE B 178 -2.10 -3.84 -14.35
N ASP B 179 -1.88 -2.67 -14.95
CA ASP B 179 -2.66 -1.48 -14.60
C ASP B 179 -4.15 -1.66 -14.83
N ASP B 180 -4.51 -2.64 -15.66
CA ASP B 180 -5.91 -2.91 -15.95
C ASP B 180 -6.60 -3.62 -14.79
N ARG B 181 -5.96 -3.62 -13.64
CA ARG B 181 -6.50 -4.25 -12.43
C ARG B 181 -6.57 -5.76 -12.58
N THR B 182 -5.74 -6.33 -13.45
CA THR B 182 -5.72 -7.78 -13.65
C THR B 182 -4.40 -8.37 -13.19
N ILE B 183 -4.44 -9.60 -12.69
CA ILE B 183 -3.25 -10.30 -12.23
C ILE B 183 -2.86 -11.40 -13.20
N ARG B 184 -1.82 -11.16 -13.98
CA ARG B 184 -1.36 -12.15 -14.96
C ARG B 184 0.02 -12.69 -14.60
N VAL B 185 0.29 -13.90 -15.03
CA VAL B 185 1.58 -14.55 -14.75
C VAL B 185 2.71 -13.80 -15.45
N ASN B 186 3.73 -13.42 -14.69
CA ASN B 186 4.87 -12.70 -15.25
C ASN B 186 5.48 -13.48 -16.40
N ASN B 187 5.71 -14.78 -16.18
CA ASN B 187 6.29 -15.63 -17.21
C ASN B 187 5.48 -15.55 -18.50
N SER B 188 4.16 -15.58 -18.36
CA SER B 188 3.27 -15.52 -19.51
C SER B 188 2.06 -14.64 -19.20
N ARG B 189 2.13 -13.37 -19.59
CA ARG B 189 1.06 -12.42 -19.34
C ARG B 189 -0.13 -12.63 -20.27
N GLY B 190 -0.33 -13.87 -20.71
CA GLY B 190 -1.43 -14.19 -21.60
C GLY B 190 -2.68 -14.59 -20.82
N LEU B 191 -2.47 -15.28 -19.70
CA LEU B 191 -3.58 -15.73 -18.87
C LEU B 191 -3.66 -14.87 -17.61
N CYS B 192 -4.88 -14.60 -17.18
CA CYS B 192 -5.11 -13.78 -16.00
C CYS B 192 -5.82 -14.58 -14.92
N VAL B 193 -5.64 -14.19 -13.66
CA VAL B 193 -6.28 -14.87 -12.55
C VAL B 193 -7.79 -14.77 -12.74
N THR B 194 -8.43 -15.88 -13.05
CA THR B 194 -9.86 -15.89 -13.27
C THR B 194 -10.64 -16.70 -12.24
N SER B 195 -11.90 -16.34 -12.04
CA SER B 195 -12.75 -17.04 -11.09
C SER B 195 -13.70 -17.95 -11.86
N ASN B 196 -14.38 -18.84 -11.15
CA ASN B 196 -15.30 -19.78 -11.79
C ASN B 196 -16.76 -19.46 -11.47
N GLY B 197 -17.01 -18.26 -10.95
CA GLY B 197 -18.37 -17.87 -10.61
C GLY B 197 -18.41 -16.70 -9.65
N TYR B 198 -19.60 -16.35 -9.17
CA TYR B 198 -19.76 -15.25 -8.23
C TYR B 198 -20.39 -15.71 -6.93
N VAL B 199 -20.50 -17.02 -6.77
CA VAL B 199 -21.07 -17.59 -5.55
C VAL B 199 -19.95 -18.04 -4.61
N SER B 200 -20.25 -18.01 -3.31
CA SER B 200 -19.27 -18.42 -2.31
C SER B 200 -18.64 -19.76 -2.62
N LYS B 201 -17.39 -19.93 -2.21
CA LYS B 201 -16.65 -21.18 -2.42
C LYS B 201 -16.27 -21.40 -3.88
N ASP B 202 -16.62 -20.45 -4.75
CA ASP B 202 -16.29 -20.57 -6.16
C ASP B 202 -14.79 -20.70 -6.33
N LEU B 203 -14.36 -21.66 -7.13
CA LEU B 203 -12.94 -21.91 -7.36
C LEU B 203 -12.28 -20.88 -8.26
N ILE B 204 -11.01 -20.59 -7.98
CA ILE B 204 -10.22 -19.65 -8.75
C ILE B 204 -9.24 -20.44 -9.61
N VAL B 205 -8.74 -19.82 -10.68
CA VAL B 205 -7.80 -20.49 -11.57
C VAL B 205 -6.88 -19.50 -12.28
N ILE B 206 -6.37 -19.89 -13.44
CA ILE B 206 -5.48 -19.04 -14.20
C ILE B 206 -5.91 -19.00 -15.67
N ARG B 207 -7.21 -18.78 -15.89
CA ARG B 207 -7.76 -18.71 -17.24
C ARG B 207 -7.08 -17.64 -18.07
N LYS B 208 -7.47 -17.54 -19.34
CA LYS B 208 -6.89 -16.56 -20.25
C LYS B 208 -7.43 -15.15 -19.97
N CYS B 209 -6.73 -14.15 -20.49
CA CYS B 209 -7.14 -12.76 -20.31
C CYS B 209 -8.10 -12.34 -21.42
N GLN B 210 -9.21 -11.72 -21.04
CA GLN B 210 -10.20 -11.27 -22.02
C GLN B 210 -10.97 -10.06 -21.54
N GLY B 211 -10.74 -9.67 -20.30
CA GLY B 211 -11.44 -8.51 -19.75
C GLY B 211 -12.67 -8.90 -18.97
N LEU B 212 -12.88 -10.21 -18.79
CA LEU B 212 -14.04 -10.70 -18.05
C LEU B 212 -14.14 -10.04 -16.68
N ALA B 213 -15.37 -9.88 -16.20
CA ALA B 213 -15.60 -9.26 -14.90
C ALA B 213 -14.88 -10.01 -13.79
N THR B 214 -14.50 -11.25 -14.07
CA THR B 214 -13.81 -12.09 -13.11
C THR B 214 -12.32 -11.75 -13.03
N GLN B 215 -11.76 -11.33 -14.16
CA GLN B 215 -10.35 -10.97 -14.23
C GLN B 215 -10.07 -9.62 -13.57
N ARG B 216 -11.06 -9.09 -12.86
CA ARG B 216 -10.92 -7.82 -12.18
C ARG B 216 -10.65 -8.04 -10.69
N TRP B 217 -9.53 -7.52 -10.21
CA TRP B 217 -9.16 -7.67 -8.81
C TRP B 217 -8.78 -6.35 -8.16
N PHE B 218 -9.55 -5.96 -7.13
CA PHE B 218 -9.30 -4.72 -6.41
C PHE B 218 -8.60 -5.05 -5.10
N PHE B 219 -7.42 -4.47 -4.89
CA PHE B 219 -6.65 -4.73 -3.69
C PHE B 219 -7.10 -3.84 -2.52
N ASN B 220 -8.06 -4.33 -1.75
CA ASN B 220 -8.57 -3.59 -0.61
C ASN B 220 -7.43 -3.22 0.33
N SER B 221 -7.42 -1.97 0.80
CA SER B 221 -6.36 -1.49 1.68
C SER B 221 -6.21 -2.32 2.94
N ASP B 222 -7.28 -3.03 3.33
CA ASP B 222 -7.22 -3.86 4.52
C ASP B 222 -6.29 -5.05 4.34
N GLY B 223 -5.86 -5.29 3.11
CA GLY B 223 -4.97 -6.38 2.84
C GLY B 223 -5.61 -7.55 2.12
N SER B 224 -6.87 -7.40 1.75
CA SER B 224 -7.60 -8.46 1.05
C SER B 224 -7.84 -8.13 -0.41
N VAL B 225 -7.56 -9.08 -1.28
CA VAL B 225 -7.76 -8.90 -2.71
C VAL B 225 -9.22 -9.25 -3.03
N VAL B 226 -10.07 -8.23 -3.03
CA VAL B 226 -11.49 -8.43 -3.28
C VAL B 226 -11.88 -8.32 -4.76
N ASN B 227 -12.85 -9.13 -5.16
CA ASN B 227 -13.36 -9.14 -6.53
C ASN B 227 -14.41 -8.04 -6.62
N LEU B 228 -14.32 -7.21 -7.66
CA LEU B 228 -15.26 -6.10 -7.81
C LEU B 228 -16.70 -6.54 -8.06
N LYS B 229 -16.94 -7.29 -9.14
CA LYS B 229 -18.28 -7.76 -9.46
C LYS B 229 -18.96 -8.33 -8.22
N SER B 230 -18.45 -9.45 -7.74
CA SER B 230 -18.98 -10.09 -6.53
C SER B 230 -18.10 -9.66 -5.36
N THR B 231 -18.70 -9.07 -4.34
CA THR B 231 -17.96 -8.60 -3.17
C THR B 231 -17.06 -9.66 -2.54
N ARG B 232 -17.18 -10.90 -2.99
CA ARG B 232 -16.37 -11.99 -2.45
C ARG B 232 -14.88 -11.69 -2.57
N VAL B 233 -14.09 -12.35 -1.74
CA VAL B 233 -12.64 -12.16 -1.74
C VAL B 233 -11.92 -13.51 -1.82
N MET B 234 -10.73 -13.52 -2.40
CA MET B 234 -9.96 -14.75 -2.53
C MET B 234 -9.31 -15.13 -1.20
N ASP B 235 -9.35 -16.42 -0.87
CA ASP B 235 -8.76 -16.90 0.37
C ASP B 235 -8.42 -18.38 0.27
N VAL B 236 -8.04 -18.97 1.40
CA VAL B 236 -7.68 -20.39 1.45
C VAL B 236 -8.86 -21.18 2.01
N LYS B 237 -9.40 -22.08 1.20
CA LYS B 237 -10.53 -22.90 1.61
C LYS B 237 -10.27 -23.62 2.93
N GLU B 238 -11.12 -23.37 3.91
CA GLU B 238 -11.02 -24.00 5.22
C GLU B 238 -9.62 -23.87 5.81
N SER B 239 -8.85 -22.91 5.31
CA SER B 239 -7.48 -22.68 5.78
C SER B 239 -6.54 -23.83 5.43
N ASP B 240 -7.10 -25.00 5.17
CA ASP B 240 -6.31 -26.17 4.83
C ASP B 240 -5.66 -25.98 3.46
N VAL B 241 -4.41 -25.54 3.48
CA VAL B 241 -3.66 -25.30 2.26
C VAL B 241 -3.48 -26.60 1.48
N SER B 242 -3.56 -27.72 2.19
CA SER B 242 -3.41 -29.04 1.57
C SER B 242 -4.46 -29.24 0.50
N LEU B 243 -5.65 -28.68 0.71
CA LEU B 243 -6.74 -28.79 -0.23
C LEU B 243 -6.35 -28.30 -1.61
N GLN B 244 -5.28 -27.49 -1.66
CA GLN B 244 -4.79 -26.94 -2.92
C GLN B 244 -5.88 -26.20 -3.70
N GLU B 245 -6.33 -25.07 -3.17
CA GLU B 245 -7.37 -24.30 -3.85
C GLU B 245 -7.67 -22.95 -3.20
N VAL B 246 -7.61 -21.90 -4.01
CA VAL B 246 -7.91 -20.55 -3.54
C VAL B 246 -9.29 -20.22 -4.12
N ILE B 247 -10.20 -19.75 -3.29
CA ILE B 247 -11.54 -19.44 -3.76
C ILE B 247 -12.09 -18.12 -3.26
N ILE B 248 -13.24 -17.72 -3.83
CA ILE B 248 -13.89 -16.47 -3.43
C ILE B 248 -14.82 -16.78 -2.26
N PHE B 249 -14.86 -15.89 -1.28
CA PHE B 249 -15.69 -16.10 -0.10
C PHE B 249 -15.97 -14.78 0.62
N PRO B 250 -17.22 -14.58 1.06
CA PRO B 250 -17.63 -13.36 1.76
C PRO B 250 -16.57 -12.91 2.77
N ALA B 251 -16.24 -11.63 2.75
CA ALA B 251 -15.24 -11.07 3.66
C ALA B 251 -15.51 -11.47 5.11
N THR B 252 -14.43 -11.69 5.85
CA THR B 252 -14.51 -12.06 7.27
C THR B 252 -13.51 -11.27 8.10
N GLY B 253 -12.52 -10.69 7.42
CA GLY B 253 -11.52 -9.91 8.12
C GLY B 253 -10.50 -10.79 8.83
N ASN B 254 -10.46 -12.06 8.43
CA ASN B 254 -9.54 -13.02 9.04
C ASN B 254 -8.23 -13.13 8.25
N PRO B 255 -7.16 -13.59 8.91
CA PRO B 255 -5.85 -13.74 8.27
C PRO B 255 -5.86 -14.66 7.05
N ASN B 256 -6.77 -15.63 7.03
CA ASN B 256 -6.86 -16.56 5.90
C ASN B 256 -7.38 -15.84 4.65
N GLN B 257 -7.63 -14.55 4.78
CA GLN B 257 -8.11 -13.74 3.67
C GLN B 257 -7.16 -12.58 3.40
N GLN B 258 -6.04 -12.57 4.12
CA GLN B 258 -5.04 -11.52 3.98
C GLN B 258 -3.96 -11.92 2.97
N TRP B 259 -3.53 -10.96 2.16
CA TRP B 259 -2.51 -11.21 1.15
C TRP B 259 -1.55 -10.03 1.05
N ARG B 260 -0.27 -10.35 0.95
CA ARG B 260 0.76 -9.33 0.84
C ARG B 260 1.45 -9.41 -0.52
N THR B 261 1.83 -8.25 -1.06
CA THR B 261 2.50 -8.20 -2.35
C THR B 261 3.92 -7.70 -2.16
N GLN B 262 4.88 -8.64 -2.19
CA GLN B 262 6.29 -8.32 -2.00
C GLN B 262 6.99 -8.07 -3.33
N VAL B 263 7.82 -7.05 -3.36
CA VAL B 263 8.58 -6.67 -4.56
C VAL B 263 9.27 -7.89 -5.17
N PRO B 264 9.88 -7.74 -6.36
CA PRO B 264 10.57 -8.81 -7.07
C PRO B 264 11.12 -9.90 -6.15
C1 GLC C . 3.16 8.64 -37.64
C2 GLC C . 2.80 9.96 -36.94
C3 GLC C . 1.73 9.71 -35.87
C4 GLC C . 0.52 9.03 -36.52
C5 GLC C . 0.97 7.74 -37.24
C6 GLC C . -0.16 7.04 -37.97
O1 GLC C . 4.06 8.89 -38.65
O2 GLC C . 3.96 10.52 -36.33
O3 GLC C . 1.35 10.92 -35.27
O4 GLC C . -0.53 8.77 -35.56
O5 GLC C . 1.99 8.05 -38.22
O6 GLC C . -1.11 6.49 -37.07
C1 GAL C . -0.39 7.82 -34.55
C2 GAL C . -0.07 8.53 -33.21
C3 GAL C . -0.11 7.53 -32.06
C4 GAL C . -1.44 6.80 -32.04
C5 GAL C . -1.66 6.12 -33.40
C6 GAL C . -3.00 5.39 -33.48
O2 GAL C . 1.21 9.13 -33.27
O3 GAL C . 0.07 8.21 -30.82
O4 GAL C . -2.49 7.71 -31.78
O5 GAL C . -1.63 7.12 -34.45
O6 GAL C . -4.09 6.29 -33.38
C1 NAG D . 8.53 -10.71 -16.12
C2 NAG D . 9.99 -10.39 -15.83
C3 NAG D . 10.49 -9.37 -16.85
C4 NAG D . 10.22 -9.84 -18.29
C5 NAG D . 8.77 -10.33 -18.47
C6 NAG D . 8.55 -11.04 -19.79
C7 NAG D . 10.88 -10.48 -13.60
C8 NAG D . 10.95 -9.87 -12.21
N2 NAG D . 10.12 -9.86 -14.48
O3 NAG D . 11.88 -9.16 -16.67
O4 NAG D . 10.45 -8.75 -19.22
O5 NAG D . 8.41 -11.27 -17.42
O6 NAG D . 7.25 -11.58 -19.88
O7 NAG D . 11.52 -11.50 -13.84
C1 NAG D . 11.73 -8.51 -19.72
C2 NAG D . 12.28 -7.21 -19.15
C3 NAG D . 13.61 -6.94 -19.88
C4 NAG D . 14.57 -8.10 -19.60
C5 NAG D . 13.92 -9.46 -19.98
C6 NAG D . 14.75 -10.65 -19.50
C7 NAG D . 11.31 -5.31 -20.33
C8 NAG D . 10.24 -4.23 -20.33
N2 NAG D . 11.32 -6.14 -19.30
O3 NAG D . 14.17 -5.71 -19.42
O4 NAG D . 15.83 -7.90 -20.30
O5 NAG D . 12.61 -9.60 -19.38
O6 NAG D . 15.05 -10.53 -18.11
O7 NAG D . 12.12 -5.37 -21.27
C1 BMA D . 16.01 -8.43 -21.58
C2 BMA D . 15.69 -7.38 -22.65
C3 BMA D . 15.97 -7.96 -24.04
C4 BMA D . 17.40 -8.53 -24.11
C5 BMA D . 17.65 -9.50 -22.95
C6 BMA D . 19.08 -10.00 -22.90
O2 BMA D . 16.49 -6.22 -22.45
O3 BMA D . 15.82 -6.96 -25.02
O4 BMA D . 17.59 -9.22 -25.34
O5 BMA D . 17.38 -8.85 -21.69
O6 BMA D . 20.01 -8.93 -22.85
#